data_8HQV
#
_entry.id   8HQV
#
_cell.length_a   74.930
_cell.length_b   51.273
_cell.length_c   85.256
_cell.angle_alpha   90.00
_cell.angle_beta   101.61
_cell.angle_gamma   90.00
#
_symmetry.space_group_name_H-M   'C 1 2 1'
#
loop_
_entity.id
_entity.type
_entity.pdbx_description
1 polymer "Coatomer subunit beta'"
2 polymer 'HCoV-OC43 Spike KTSHxx sorting motif'
3 water water
#
loop_
_entity_poly.entity_id
_entity_poly.type
_entity_poly.pdbx_seq_one_letter_code
_entity_poly.pdbx_strand_id
1 'polypeptide(L)'
;MKLDIKKTFSNRSDRVKGIDFHPTEPWVLTTLYSGRVEIWNYETQVEVRSIQVTETPVRAGKFIARKNWIIVGSDDFRIR
VFNYNTGEKVVDFEAHPDYIRSIAVHPTKPYVLSGSDDLTVKLWNWENNWALEQTFEGHEHFVMCVAFNPKDPSTFASGC
LDRTVKVWSLGQSTPNFTLTTGQERGVNYVDYYPLPDKPYMITASDDLTIKIWDYQTKSCVATLEGHMSNVSFAVFHPTL
PIIISGSEDGTLKIWNSSTYKVEKTLNVGLERSWCIATHPTGRKNYIASGFDNGFTVLSLG
;
A
2 'polypeptide(L)' ELVIKTSHDD B
#
# COMPACT_ATOMS: atom_id res chain seq x y z
N LYS A 2 -23.02 5.60 13.78
CA LYS A 2 -22.24 5.60 12.55
C LYS A 2 -21.41 4.32 12.45
N LEU A 3 -20.37 4.22 13.27
CA LEU A 3 -19.47 3.07 13.20
C LEU A 3 -20.22 1.80 13.57
N ASP A 4 -20.34 0.88 12.60
CA ASP A 4 -21.16 -0.32 12.74
C ASP A 4 -20.50 -1.37 11.82
N ILE A 5 -19.47 -2.02 12.34
CA ILE A 5 -18.60 -2.84 11.51
C ILE A 5 -19.24 -4.20 11.26
N LYS A 6 -19.29 -4.60 9.99
CA LYS A 6 -19.81 -5.91 9.60
C LYS A 6 -18.83 -6.63 8.71
N LYS A 7 -18.72 -7.95 8.87
CA LYS A 7 -17.73 -8.77 8.19
C LYS A 7 -18.34 -9.23 6.85
N THR A 8 -18.02 -8.51 5.75
CA THR A 8 -18.61 -8.76 4.44
C THR A 8 -18.15 -10.10 3.87
N PHE A 9 -16.84 -10.35 3.89
CA PHE A 9 -16.29 -11.59 3.33
C PHE A 9 -14.89 -11.74 3.89
N SER A 10 -14.61 -12.85 4.56
CA SER A 10 -13.24 -13.20 4.90
C SER A 10 -12.98 -14.61 4.40
N ASN A 11 -11.80 -14.85 3.86
CA ASN A 11 -11.39 -16.16 3.38
C ASN A 11 -9.97 -16.42 3.84
N ARG A 12 -9.66 -17.68 4.09
CA ARG A 12 -8.30 -18.09 4.43
C ARG A 12 -7.49 -18.29 3.16
N SER A 13 -6.22 -17.94 3.25
CA SER A 13 -5.27 -18.15 2.17
C SER A 13 -3.87 -18.07 2.77
N ASP A 14 -2.88 -18.34 1.95
CA ASP A 14 -1.50 -18.02 2.33
C ASP A 14 -1.33 -16.51 2.52
N ARG A 15 -0.20 -16.13 3.09
CA ARG A 15 -0.04 -14.76 3.59
C ARG A 15 -0.29 -13.70 2.51
N VAL A 16 -1.18 -12.76 2.80
CA VAL A 16 -1.57 -11.69 1.88
C VAL A 16 -0.67 -10.48 2.10
N LYS A 17 0.20 -10.21 1.12
CA LYS A 17 1.12 -9.07 1.22
C LYS A 17 0.59 -7.80 0.57
N GLY A 18 -0.25 -7.93 -0.45
CA GLY A 18 -0.80 -6.77 -1.14
C GLY A 18 -2.28 -6.95 -1.33
N ILE A 19 -2.99 -5.83 -1.39
CA ILE A 19 -4.45 -5.86 -1.48
C ILE A 19 -4.91 -4.56 -2.12
N ASP A 20 -5.99 -4.63 -2.91
CA ASP A 20 -6.51 -3.46 -3.62
C ASP A 20 -7.96 -3.70 -4.02
N PHE A 21 -8.78 -2.65 -3.98
CA PHE A 21 -10.15 -2.67 -4.48
C PHE A 21 -10.22 -2.20 -5.94
N HIS A 22 -11.07 -2.86 -6.73
CA HIS A 22 -11.47 -2.34 -8.02
C HIS A 22 -12.44 -1.19 -7.82
N PRO A 23 -12.34 -0.09 -8.58
CA PRO A 23 -13.20 1.08 -8.33
C PRO A 23 -14.66 0.93 -8.75
N THR A 24 -14.99 0.04 -9.69
CA THR A 24 -16.36 -0.04 -10.20
C THR A 24 -16.94 -1.46 -10.19
N GLU A 25 -16.12 -2.46 -10.00
CA GLU A 25 -16.61 -3.81 -9.80
C GLU A 25 -16.42 -4.19 -8.33
N PRO A 26 -17.27 -5.06 -7.77
CA PRO A 26 -17.14 -5.41 -6.35
C PRO A 26 -16.06 -6.46 -6.13
N TRP A 27 -14.84 -6.09 -6.49
CA TRP A 27 -13.70 -7.01 -6.52
C TRP A 27 -12.57 -6.53 -5.61
N VAL A 28 -11.88 -7.48 -5.00
CA VAL A 28 -10.64 -7.22 -4.29
C VAL A 28 -9.56 -8.14 -4.88
N LEU A 29 -8.36 -7.58 -5.08
CA LEU A 29 -7.17 -8.30 -5.49
C LEU A 29 -6.34 -8.55 -4.25
N THR A 30 -5.87 -9.79 -4.08
CA THR A 30 -4.87 -10.11 -3.08
C THR A 30 -3.62 -10.68 -3.77
N THR A 31 -2.45 -10.32 -3.24
CA THR A 31 -1.19 -10.87 -3.75
C THR A 31 -0.51 -11.59 -2.61
N LEU A 32 -0.16 -12.87 -2.82
CA LEU A 32 0.28 -13.70 -1.71
C LEU A 32 1.77 -13.98 -1.68
N TYR A 33 2.22 -14.35 -0.49
CA TYR A 33 3.61 -14.73 -0.26
C TYR A 33 4.00 -15.98 -1.03
N SER A 34 3.02 -16.79 -1.42
CA SER A 34 3.24 -18.02 -2.16
C SER A 34 3.45 -17.79 -3.64
N GLY A 35 3.32 -16.56 -4.15
CA GLY A 35 3.41 -16.35 -5.57
C GLY A 35 2.09 -16.32 -6.30
N ARG A 36 0.99 -16.62 -5.60
CA ARG A 36 -0.34 -16.63 -6.18
C ARG A 36 -0.96 -15.26 -5.98
N VAL A 37 -1.83 -14.86 -6.91
CA VAL A 37 -2.68 -13.70 -6.73
C VAL A 37 -4.12 -14.13 -6.98
N GLU A 38 -5.05 -13.50 -6.26
CA GLU A 38 -6.48 -13.82 -6.36
C GLU A 38 -7.31 -12.56 -6.55
N ILE A 39 -8.29 -12.62 -7.44
CA ILE A 39 -9.28 -11.56 -7.60
C ILE A 39 -10.61 -12.14 -7.17
N TRP A 40 -11.19 -11.63 -6.09
CA TRP A 40 -12.45 -12.12 -5.55
C TRP A 40 -13.56 -11.11 -5.79
N ASN A 41 -14.71 -11.58 -6.25
CA ASN A 41 -15.93 -10.82 -6.07
C ASN A 41 -16.37 -11.00 -4.63
N TYR A 42 -16.27 -9.92 -3.81
CA TYR A 42 -16.59 -10.05 -2.39
C TYR A 42 -18.08 -9.99 -2.08
N GLU A 43 -18.92 -9.67 -3.07
CA GLU A 43 -20.37 -9.73 -2.87
C GLU A 43 -20.89 -11.14 -3.11
N THR A 44 -20.41 -11.81 -4.16
CA THR A 44 -20.81 -13.19 -4.43
C THR A 44 -19.91 -14.23 -3.79
N GLN A 45 -18.70 -13.84 -3.37
CA GLN A 45 -17.75 -14.77 -2.75
C GLN A 45 -17.27 -15.86 -3.70
N VAL A 46 -17.03 -15.46 -4.95
CA VAL A 46 -16.52 -16.31 -6.03
C VAL A 46 -15.32 -15.61 -6.67
N GLU A 47 -14.31 -16.38 -7.02
CA GLU A 47 -13.12 -15.83 -7.67
C GLU A 47 -13.42 -15.41 -9.11
N VAL A 48 -13.06 -14.17 -9.44
CA VAL A 48 -13.09 -13.69 -10.81
C VAL A 48 -11.97 -14.35 -11.63
N ARG A 49 -10.77 -14.38 -11.07
CA ARG A 49 -9.58 -14.91 -11.74
C ARG A 49 -8.51 -15.07 -10.68
N SER A 50 -7.69 -16.11 -10.82
CA SER A 50 -6.53 -16.32 -9.97
C SER A 50 -5.38 -16.87 -10.80
N ILE A 51 -4.15 -16.56 -10.39
CA ILE A 51 -2.98 -16.82 -11.20
C ILE A 51 -1.84 -17.22 -10.28
N GLN A 52 -1.18 -18.36 -10.58
CA GLN A 52 0.11 -18.69 -9.96
C GLN A 52 1.15 -17.88 -10.75
N VAL A 53 1.49 -16.69 -10.23
CA VAL A 53 2.32 -15.77 -11.02
C VAL A 53 3.78 -16.22 -11.01
N THR A 54 4.25 -16.73 -9.87
CA THR A 54 5.67 -16.99 -9.64
C THR A 54 5.70 -17.91 -8.42
N GLU A 55 6.89 -18.39 -8.06
CA GLU A 55 7.04 -19.13 -6.81
C GLU A 55 7.52 -18.26 -5.66
N THR A 56 7.79 -17.00 -5.91
CA THR A 56 8.33 -16.04 -4.95
C THR A 56 7.21 -15.16 -4.42
N PRO A 57 7.43 -14.48 -3.28
CA PRO A 57 6.37 -13.60 -2.76
C PRO A 57 6.00 -12.50 -3.75
N VAL A 58 4.70 -12.24 -3.86
CA VAL A 58 4.22 -11.10 -4.63
C VAL A 58 3.81 -10.06 -3.59
N ARG A 59 4.68 -9.07 -3.35
CA ARG A 59 4.44 -8.14 -2.25
C ARG A 59 3.54 -6.97 -2.62
N ALA A 60 3.35 -6.70 -3.91
CA ALA A 60 2.63 -5.51 -4.32
C ALA A 60 1.70 -5.84 -5.47
N GLY A 61 0.50 -5.26 -5.42
CA GLY A 61 -0.39 -5.40 -6.55
C GLY A 61 -1.46 -4.34 -6.58
N LYS A 62 -1.81 -3.87 -7.76
CA LYS A 62 -2.83 -2.84 -7.90
C LYS A 62 -3.66 -3.14 -9.13
N PHE A 63 -4.92 -2.74 -9.07
CA PHE A 63 -5.68 -2.62 -10.31
C PHE A 63 -5.24 -1.39 -11.10
N ILE A 64 -5.28 -1.52 -12.44
CA ILE A 64 -5.29 -0.34 -13.32
C ILE A 64 -6.60 -0.44 -14.08
N ALA A 65 -7.69 0.04 -13.46
CA ALA A 65 -9.03 -0.27 -14.01
C ALA A 65 -9.23 0.31 -15.39
N ARG A 66 -8.65 1.49 -15.65
CA ARG A 66 -8.88 2.12 -16.95
C ARG A 66 -8.22 1.36 -18.09
N LYS A 67 -7.33 0.41 -17.79
CA LYS A 67 -6.76 -0.47 -18.81
C LYS A 67 -7.22 -1.91 -18.64
N ASN A 68 -8.10 -2.20 -17.68
CA ASN A 68 -8.54 -3.58 -17.40
C ASN A 68 -7.38 -4.49 -16.99
N TRP A 69 -6.41 -3.94 -16.28
CA TRP A 69 -5.23 -4.67 -15.86
C TRP A 69 -5.14 -4.80 -14.34
N ILE A 70 -4.35 -5.80 -13.92
CA ILE A 70 -3.68 -5.76 -12.62
C ILE A 70 -2.18 -5.68 -12.89
N ILE A 71 -1.46 -5.02 -11.98
CA ILE A 71 0.00 -4.98 -12.06
C ILE A 71 0.54 -5.48 -10.72
N VAL A 72 1.51 -6.39 -10.80
CA VAL A 72 2.03 -6.99 -9.58
C VAL A 72 3.56 -6.96 -9.60
N GLY A 73 4.14 -6.99 -8.40
CA GLY A 73 5.59 -7.06 -8.32
C GLY A 73 6.05 -8.09 -7.30
N SER A 74 7.13 -8.79 -7.59
CA SER A 74 7.52 -9.94 -6.77
C SER A 74 9.02 -10.02 -6.52
N ASP A 75 9.37 -10.85 -5.53
CA ASP A 75 10.75 -10.97 -5.05
C ASP A 75 11.69 -11.56 -6.09
N ASP A 76 11.18 -12.15 -7.18
CA ASP A 76 12.00 -12.57 -8.29
C ASP A 76 12.43 -11.41 -9.16
N PHE A 77 12.17 -10.17 -8.73
CA PHE A 77 12.66 -8.92 -9.33
C PHE A 77 11.72 -8.37 -10.39
N ARG A 78 10.57 -8.99 -10.63
CA ARG A 78 9.82 -8.74 -11.85
C ARG A 78 8.52 -8.02 -11.58
N ILE A 79 8.18 -7.11 -12.50
CA ILE A 79 6.85 -6.56 -12.61
C ILE A 79 6.12 -7.30 -13.73
N ARG A 80 4.87 -7.69 -13.46
CA ARG A 80 4.03 -8.37 -14.44
C ARG A 80 2.67 -7.71 -14.47
N VAL A 81 2.10 -7.61 -15.65
CA VAL A 81 0.79 -6.98 -15.84
C VAL A 81 -0.08 -7.99 -16.56
N PHE A 82 -1.30 -8.16 -16.06
CA PHE A 82 -2.25 -9.13 -16.61
C PHE A 82 -3.55 -8.43 -16.92
N ASN A 83 -4.15 -8.82 -18.04
CA ASN A 83 -5.50 -8.37 -18.33
C ASN A 83 -6.46 -9.24 -17.54
N TYR A 84 -7.26 -8.64 -16.65
CA TYR A 84 -8.09 -9.46 -15.78
C TYR A 84 -9.31 -10.06 -16.48
N ASN A 85 -9.66 -9.55 -17.66
CA ASN A 85 -10.79 -10.08 -18.44
C ASN A 85 -10.37 -11.25 -19.31
N THR A 86 -9.15 -11.24 -19.84
CA THR A 86 -8.68 -12.29 -20.73
C THR A 86 -7.63 -13.19 -20.12
N GLY A 87 -7.01 -12.78 -19.02
CA GLY A 87 -5.91 -13.53 -18.44
C GLY A 87 -4.58 -13.29 -19.11
N GLU A 88 -4.56 -12.52 -20.19
CA GLU A 88 -3.34 -12.28 -20.94
C GLU A 88 -2.28 -11.55 -20.13
N LYS A 89 -1.04 -12.03 -20.21
CA LYS A 89 0.10 -11.37 -19.60
C LYS A 89 0.61 -10.29 -20.54
N VAL A 90 0.32 -9.04 -20.20
CA VAL A 90 0.60 -7.89 -21.05
C VAL A 90 2.11 -7.63 -21.14
N VAL A 91 2.81 -7.71 -20.02
CA VAL A 91 4.24 -7.46 -19.98
C VAL A 91 4.82 -8.18 -18.76
N ASP A 92 6.12 -8.47 -18.82
CA ASP A 92 6.82 -9.19 -17.76
C ASP A 92 8.28 -8.75 -17.86
N PHE A 93 8.73 -7.92 -16.93
CA PHE A 93 10.08 -7.38 -17.05
C PHE A 93 10.77 -7.33 -15.70
N GLU A 94 12.11 -7.45 -15.73
CA GLU A 94 12.88 -7.18 -14.51
C GLU A 94 12.86 -5.68 -14.24
N ALA A 95 12.31 -5.30 -13.07
CA ALA A 95 12.20 -3.90 -12.66
C ALA A 95 13.37 -3.45 -11.80
N HIS A 96 13.83 -4.30 -10.88
CA HIS A 96 14.87 -3.96 -9.91
C HIS A 96 15.70 -5.21 -9.68
N PRO A 97 16.95 -5.09 -9.28
CA PRO A 97 17.73 -6.30 -8.97
C PRO A 97 17.57 -6.77 -7.53
N ASP A 98 16.38 -6.57 -6.97
CA ASP A 98 16.12 -6.84 -5.56
C ASP A 98 14.61 -6.82 -5.39
N TYR A 99 14.16 -7.13 -4.17
CA TYR A 99 12.73 -7.20 -3.90
C TYR A 99 12.00 -5.90 -4.25
N ILE A 100 10.75 -6.07 -4.71
CA ILE A 100 9.83 -4.97 -4.94
C ILE A 100 8.85 -4.89 -3.78
N ARG A 101 8.82 -3.75 -3.08
CA ARG A 101 7.98 -3.63 -1.89
C ARG A 101 6.62 -3.00 -2.17
N SER A 102 6.53 -2.13 -3.17
CA SER A 102 5.34 -1.28 -3.25
C SER A 102 5.22 -0.80 -4.69
N ILE A 103 3.98 -0.70 -5.15
CA ILE A 103 3.65 -0.14 -6.46
C ILE A 103 2.56 0.89 -6.29
N ALA A 104 2.71 2.04 -6.94
CA ALA A 104 1.63 3.02 -7.02
C ALA A 104 1.33 3.37 -8.47
N VAL A 105 0.06 3.64 -8.76
CA VAL A 105 -0.43 3.98 -10.10
C VAL A 105 -0.90 5.43 -10.12
N HIS A 106 -0.41 6.21 -11.07
CA HIS A 106 -0.82 7.61 -11.14
C HIS A 106 -2.32 7.69 -11.44
N PRO A 107 -3.05 8.68 -10.89
CA PRO A 107 -4.51 8.70 -11.07
C PRO A 107 -4.98 9.00 -12.47
N THR A 108 -4.20 9.68 -13.31
CA THR A 108 -4.65 10.00 -14.67
C THR A 108 -3.60 9.70 -15.73
N LYS A 109 -2.34 9.80 -15.37
CA LYS A 109 -1.27 9.63 -16.35
C LYS A 109 -0.78 8.20 -16.34
N PRO A 110 -0.15 7.72 -17.43
CA PRO A 110 0.12 6.28 -17.54
C PRO A 110 1.41 5.90 -16.88
N TYR A 111 1.54 6.29 -15.60
CA TYR A 111 2.78 6.10 -14.87
C TYR A 111 2.57 5.13 -13.71
N VAL A 112 3.58 4.31 -13.48
CA VAL A 112 3.62 3.42 -12.32
C VAL A 112 4.93 3.66 -11.59
N LEU A 113 4.87 3.74 -10.27
CA LEU A 113 6.07 3.81 -9.43
C LEU A 113 6.26 2.47 -8.76
N SER A 114 7.52 2.04 -8.69
CA SER A 114 7.85 0.88 -7.89
C SER A 114 8.94 1.26 -6.89
N GLY A 115 8.79 0.81 -5.66
CA GLY A 115 9.79 1.02 -4.61
C GLY A 115 10.42 -0.32 -4.26
N SER A 116 11.75 -0.29 -4.03
CA SER A 116 12.51 -1.54 -3.97
C SER A 116 13.58 -1.51 -2.89
N ASP A 117 13.95 -2.73 -2.47
CA ASP A 117 15.10 -2.93 -1.61
C ASP A 117 16.40 -2.50 -2.27
N ASP A 118 16.41 -2.25 -3.59
CA ASP A 118 17.63 -1.75 -4.23
C ASP A 118 17.89 -0.29 -3.94
N LEU A 119 17.16 0.29 -2.99
CA LEU A 119 17.30 1.68 -2.51
C LEU A 119 16.64 2.72 -3.41
N THR A 120 15.92 2.34 -4.46
CA THR A 120 15.40 3.25 -5.46
C THR A 120 13.88 3.21 -5.54
N VAL A 121 13.34 4.28 -6.14
CA VAL A 121 12.01 4.29 -6.75
C VAL A 121 12.23 4.43 -8.26
N LYS A 122 11.49 3.64 -9.04
CA LYS A 122 11.52 3.77 -10.49
C LYS A 122 10.14 4.11 -11.02
N LEU A 123 10.13 4.91 -12.09
CA LEU A 123 8.93 5.35 -12.78
C LEU A 123 8.90 4.69 -14.16
N TRP A 124 7.79 4.01 -14.46
CA TRP A 124 7.58 3.28 -15.72
C TRP A 124 6.39 3.89 -16.45
N ASN A 125 6.47 3.99 -17.77
CA ASN A 125 5.40 4.60 -18.57
C ASN A 125 4.79 3.56 -19.50
N TRP A 126 3.54 3.17 -19.26
CA TRP A 126 2.91 2.13 -20.07
C TRP A 126 2.53 2.61 -21.48
N GLU A 127 2.50 3.91 -21.74
CA GLU A 127 2.32 4.36 -23.12
C GLU A 127 3.62 4.41 -23.90
N ASN A 128 4.77 4.15 -23.26
CA ASN A 128 6.06 4.11 -23.93
C ASN A 128 6.66 2.72 -23.74
N ASN A 129 5.84 1.69 -23.96
CA ASN A 129 6.29 0.30 -23.87
C ASN A 129 6.95 -0.01 -22.52
N TRP A 130 6.38 0.53 -21.44
CA TRP A 130 6.84 0.24 -20.07
C TRP A 130 8.29 0.66 -19.86
N ALA A 131 8.70 1.72 -20.57
CA ALA A 131 10.07 2.21 -20.47
C ALA A 131 10.35 2.73 -19.07
N LEU A 132 11.58 2.53 -18.62
CA LEU A 132 12.04 3.18 -17.40
C LEU A 132 12.26 4.66 -17.73
N GLU A 133 11.43 5.53 -17.18
CA GLU A 133 11.58 6.96 -17.48
C GLU A 133 12.42 7.69 -16.44
N GLN A 134 12.47 7.19 -15.21
CA GLN A 134 13.25 7.87 -14.18
C GLN A 134 13.55 6.92 -13.03
N THR A 135 14.75 7.06 -12.46
CA THR A 135 15.13 6.41 -11.22
C THR A 135 15.43 7.47 -10.16
N PHE A 136 14.75 7.37 -9.01
CA PHE A 136 14.85 8.35 -7.95
C PHE A 136 15.78 7.75 -6.90
N GLU A 137 16.97 8.34 -6.78
CA GLU A 137 18.03 7.86 -5.91
C GLU A 137 18.24 8.81 -4.77
N GLY A 138 18.63 8.25 -3.63
CA GLY A 138 18.84 9.05 -2.44
C GLY A 138 18.59 8.29 -1.16
N HIS A 139 17.62 7.37 -1.17
CA HIS A 139 17.35 6.58 0.02
C HIS A 139 18.55 5.69 0.30
N GLU A 140 18.69 5.32 1.57
CA GLU A 140 19.84 4.52 2.00
C GLU A 140 19.47 3.17 2.60
N HIS A 141 18.20 2.74 2.52
CA HIS A 141 17.79 1.40 2.96
C HIS A 141 16.57 1.02 2.10
N PHE A 142 15.92 -0.11 2.43
CA PHE A 142 14.81 -0.56 1.58
C PHE A 142 13.70 0.47 1.48
N VAL A 143 13.24 0.75 0.27
CA VAL A 143 12.09 1.62 0.04
C VAL A 143 10.84 0.75 0.18
N MET A 144 10.08 0.98 1.25
CA MET A 144 8.96 0.14 1.65
C MET A 144 7.62 0.56 1.09
N CYS A 145 7.48 1.80 0.64
CA CYS A 145 6.15 2.27 0.24
C CYS A 145 6.29 3.49 -0.65
N VAL A 146 5.50 3.54 -1.73
CA VAL A 146 5.41 4.73 -2.57
C VAL A 146 3.95 5.12 -2.70
N ALA A 147 3.69 6.45 -2.72
CA ALA A 147 2.30 6.91 -2.86
C ALA A 147 2.29 8.28 -3.53
N PHE A 148 1.47 8.43 -4.56
CA PHE A 148 1.29 9.76 -5.14
C PHE A 148 0.52 10.67 -4.18
N ASN A 149 0.83 11.98 -4.23
CA ASN A 149 -0.06 12.91 -3.55
C ASN A 149 -1.31 13.04 -4.41
N PRO A 150 -2.48 12.62 -3.93
CA PRO A 150 -3.67 12.62 -4.82
C PRO A 150 -4.08 14.02 -5.21
N LYS A 151 -3.71 15.04 -4.42
CA LYS A 151 -4.04 16.42 -4.69
C LYS A 151 -3.04 17.06 -5.63
N ASP A 152 -1.88 16.45 -5.80
CA ASP A 152 -0.88 16.98 -6.73
C ASP A 152 -0.01 15.80 -7.12
N PRO A 153 -0.49 14.95 -8.05
CA PRO A 153 0.24 13.72 -8.37
C PRO A 153 1.41 13.95 -9.31
N SER A 154 1.81 15.21 -9.54
CA SER A 154 3.17 15.45 -10.01
C SER A 154 4.20 15.18 -8.92
N THR A 155 3.76 14.98 -7.68
CA THR A 155 4.65 14.67 -6.57
C THR A 155 4.21 13.37 -5.93
N PHE A 156 5.14 12.75 -5.21
CA PHE A 156 4.85 11.48 -4.54
C PHE A 156 5.81 11.35 -3.37
N ALA A 157 5.43 10.46 -2.44
CA ALA A 157 6.22 10.20 -1.24
C ALA A 157 6.76 8.78 -1.28
N SER A 158 7.98 8.61 -0.79
CA SER A 158 8.54 7.29 -0.53
C SER A 158 8.86 7.16 0.96
N GLY A 159 8.48 6.02 1.54
CA GLY A 159 8.82 5.71 2.92
C GLY A 159 9.88 4.63 2.94
N CYS A 160 10.86 4.78 3.84
CA CYS A 160 12.06 3.96 3.74
C CYS A 160 12.58 3.53 5.11
N LEU A 161 13.18 2.31 5.14
CA LEU A 161 13.81 1.85 6.38
C LEU A 161 14.94 2.74 6.84
N ASP A 162 15.41 3.68 6.02
CA ASP A 162 16.43 4.63 6.45
C ASP A 162 15.90 5.72 7.38
N ARG A 163 14.64 5.59 7.82
CA ARG A 163 13.98 6.43 8.81
C ARG A 163 13.44 7.72 8.19
N THR A 164 13.40 7.83 6.87
CA THR A 164 12.94 9.05 6.25
C THR A 164 11.75 8.78 5.34
N VAL A 165 10.98 9.85 5.09
CA VAL A 165 10.11 9.96 3.94
C VAL A 165 10.75 11.00 3.03
N LYS A 166 10.85 10.70 1.74
CA LYS A 166 11.24 11.67 0.73
C LYS A 166 10.08 11.99 -0.18
N VAL A 167 9.91 13.29 -0.46
CA VAL A 167 8.86 13.75 -1.37
C VAL A 167 9.54 14.31 -2.59
N TRP A 168 9.10 13.85 -3.78
CA TRP A 168 9.79 14.08 -5.03
C TRP A 168 8.84 14.67 -6.05
N SER A 169 9.41 15.37 -7.04
CA SER A 169 8.66 15.85 -8.20
C SER A 169 9.04 15.01 -9.41
N LEU A 170 8.04 14.53 -10.15
CA LEU A 170 8.34 13.82 -11.39
C LEU A 170 9.21 14.72 -12.27
N GLY A 171 10.25 14.13 -12.85
CA GLY A 171 11.13 14.88 -13.72
C GLY A 171 12.25 15.61 -13.00
N GLN A 172 12.36 15.50 -11.67
CA GLN A 172 13.44 16.14 -10.92
C GLN A 172 14.14 15.09 -10.08
N SER A 173 15.46 15.19 -9.97
CA SER A 173 16.28 14.09 -9.48
C SER A 173 16.55 14.11 -7.98
N THR A 174 16.25 15.17 -7.27
CA THR A 174 16.47 15.18 -5.83
C THR A 174 15.15 15.43 -5.15
N PRO A 175 14.99 15.00 -3.88
CA PRO A 175 13.72 15.24 -3.18
C PRO A 175 13.44 16.73 -3.07
N ASN A 176 12.14 17.06 -3.15
CA ASN A 176 11.71 18.39 -2.73
C ASN A 176 12.03 18.60 -1.25
N PHE A 177 11.86 17.56 -0.43
CA PHE A 177 12.30 17.58 0.96
C PHE A 177 12.42 16.14 1.44
N THR A 178 13.21 15.98 2.49
CA THR A 178 13.36 14.73 3.21
C THR A 178 12.84 14.97 4.62
N LEU A 179 11.92 14.12 5.05
CA LEU A 179 11.33 14.24 6.36
C LEU A 179 12.03 13.28 7.29
N THR A 180 12.64 13.82 8.34
CA THR A 180 13.21 13.02 9.42
C THR A 180 12.07 12.65 10.35
N THR A 181 11.76 11.37 10.45
CA THR A 181 10.56 10.99 11.16
C THR A 181 10.79 10.78 12.64
N GLY A 182 12.01 10.52 13.06
CA GLY A 182 12.25 10.06 14.41
C GLY A 182 11.73 8.67 14.67
N GLN A 183 11.33 7.96 13.62
CA GLN A 183 10.90 6.57 13.75
C GLN A 183 12.14 5.73 13.46
N GLU A 184 12.88 5.41 14.54
CA GLU A 184 14.26 4.98 14.36
C GLU A 184 14.37 3.56 13.85
N ARG A 185 13.29 2.78 13.86
CA ARG A 185 13.30 1.48 13.21
C ARG A 185 12.86 1.53 11.74
N GLY A 186 12.66 2.75 11.20
CA GLY A 186 12.37 2.99 9.80
C GLY A 186 10.90 3.26 9.54
N VAL A 187 10.58 3.49 8.28
CA VAL A 187 9.21 3.76 7.86
C VAL A 187 8.78 2.63 6.94
N ASN A 188 7.67 1.96 7.28
CA ASN A 188 7.14 0.86 6.47
C ASN A 188 6.06 1.32 5.50
N TYR A 189 5.49 2.51 5.73
CA TYR A 189 4.31 2.92 4.99
C TYR A 189 4.18 4.43 5.08
N VAL A 190 3.66 5.02 4.01
CA VAL A 190 3.35 6.46 3.96
C VAL A 190 2.09 6.62 3.12
N ASP A 191 1.21 7.53 3.54
CA ASP A 191 -0.08 7.75 2.92
C ASP A 191 -0.42 9.23 3.06
N TYR A 192 -1.17 9.75 2.09
CA TYR A 192 -1.64 11.13 2.14
C TYR A 192 -3.10 11.23 2.54
N TYR A 193 -3.41 12.23 3.37
CA TYR A 193 -4.81 12.59 3.60
C TYR A 193 -5.36 13.12 2.29
N PRO A 194 -6.53 12.67 1.83
CA PRO A 194 -6.92 13.01 0.45
C PRO A 194 -7.63 14.34 0.26
N LEU A 195 -8.08 14.98 1.32
CA LEU A 195 -8.96 16.13 1.13
C LEU A 195 -8.17 17.43 1.24
N PRO A 196 -8.66 18.53 0.66
CA PRO A 196 -7.82 19.73 0.53
C PRO A 196 -7.65 20.54 1.80
N ASP A 197 -8.34 20.23 2.90
CA ASP A 197 -8.27 21.12 4.06
C ASP A 197 -7.05 20.88 4.95
N LYS A 198 -6.30 19.78 4.76
CA LYS A 198 -5.12 19.54 5.59
C LYS A 198 -4.01 18.99 4.70
N PRO A 199 -2.79 19.55 4.78
CA PRO A 199 -1.66 19.01 4.00
C PRO A 199 -0.98 17.90 4.81
N TYR A 200 -1.67 16.79 5.02
CA TYR A 200 -1.21 15.80 5.98
C TYR A 200 -0.73 14.53 5.28
N MET A 201 0.32 13.95 5.84
CA MET A 201 0.74 12.60 5.49
C MET A 201 0.88 11.81 6.78
N ILE A 202 0.93 10.49 6.66
CA ILE A 202 0.97 9.61 7.82
C ILE A 202 1.98 8.48 7.58
N THR A 203 2.77 8.16 8.63
CA THR A 203 3.79 7.11 8.51
C THR A 203 3.66 6.08 9.60
N ALA A 204 3.98 4.83 9.26
CA ALA A 204 3.92 3.69 10.18
C ALA A 204 5.29 3.03 10.27
N SER A 205 5.64 2.52 11.46
CA SER A 205 7.01 2.08 11.73
C SER A 205 7.07 0.78 12.55
N ASP A 206 8.20 0.07 12.40
CA ASP A 206 8.56 -1.02 13.31
C ASP A 206 8.77 -0.55 14.75
N ASP A 207 8.91 0.78 14.97
CA ASP A 207 9.09 1.29 16.32
C ASP A 207 7.78 1.41 17.07
N LEU A 208 6.69 0.84 16.52
CA LEU A 208 5.37 0.73 17.16
C LEU A 208 4.55 2.02 17.01
N THR A 209 5.07 3.06 16.38
CA THR A 209 4.33 4.32 16.28
C THR A 209 3.77 4.57 14.89
N ILE A 210 2.73 5.41 14.89
CA ILE A 210 2.17 6.04 13.69
C ILE A 210 2.30 7.55 13.88
N LYS A 211 2.76 8.26 12.86
CA LYS A 211 2.93 9.70 13.01
C LYS A 211 2.20 10.47 11.90
N ILE A 212 1.63 11.62 12.28
CA ILE A 212 0.94 12.51 11.33
C ILE A 212 1.82 13.72 11.11
N TRP A 213 2.00 14.11 9.85
CA TRP A 213 2.91 15.17 9.44
C TRP A 213 2.19 16.23 8.64
N ASP A 214 2.52 17.49 8.91
CA ASP A 214 2.13 18.58 8.03
C ASP A 214 3.26 18.69 7.02
N TYR A 215 2.97 18.38 5.75
CA TYR A 215 4.05 18.36 4.77
C TYR A 215 4.45 19.75 4.28
N GLN A 216 3.74 20.79 4.68
CA GLN A 216 4.22 22.13 4.38
C GLN A 216 5.25 22.59 5.40
N THR A 217 4.99 22.39 6.70
CA THR A 217 5.94 22.82 7.72
C THR A 217 6.93 21.74 8.11
N LYS A 218 6.65 20.49 7.77
CA LYS A 218 7.39 19.29 8.21
C LYS A 218 7.20 18.93 9.67
N SER A 219 6.27 19.56 10.38
CA SER A 219 6.09 19.24 11.79
C SER A 219 5.28 17.97 11.98
N CYS A 220 5.59 17.29 13.07
CA CYS A 220 4.78 16.19 13.53
C CYS A 220 3.55 16.72 14.27
N VAL A 221 2.37 16.48 13.69
CA VAL A 221 1.10 16.87 14.29
C VAL A 221 0.71 15.96 15.46
N ALA A 222 0.97 14.65 15.35
CA ALA A 222 0.51 13.70 16.36
C ALA A 222 1.27 12.39 16.22
N THR A 223 1.38 11.67 17.32
CA THR A 223 1.95 10.33 17.34
C THR A 223 0.90 9.44 17.96
N LEU A 224 0.56 8.35 17.25
CA LEU A 224 -0.50 7.45 17.66
C LEU A 224 0.20 6.20 18.20
N GLU A 225 -0.02 5.90 19.48
CA GLU A 225 0.64 4.80 20.14
C GLU A 225 -0.41 3.79 20.60
N GLY A 226 -0.02 2.51 20.59
CA GLY A 226 -0.87 1.46 21.12
C GLY A 226 -0.69 0.11 20.43
N HIS A 227 -0.20 0.09 19.20
CA HIS A 227 0.16 -1.21 18.62
C HIS A 227 1.34 -1.81 19.38
N MET A 228 1.39 -3.16 19.42
CA MET A 228 2.36 -3.91 20.23
C MET A 228 3.43 -4.63 19.40
N SER A 229 3.37 -4.50 18.07
CA SER A 229 4.43 -5.00 17.22
C SER A 229 4.46 -4.12 16.00
N ASN A 230 5.29 -4.49 15.02
CA ASN A 230 5.53 -3.64 13.85
C ASN A 230 4.21 -3.14 13.25
N VAL A 231 4.12 -1.84 12.96
CA VAL A 231 2.94 -1.29 12.31
C VAL A 231 3.18 -1.38 10.80
N SER A 232 2.40 -2.23 10.11
CA SER A 232 2.63 -2.47 8.69
C SER A 232 2.11 -1.32 7.83
N PHE A 233 1.04 -0.67 8.26
CA PHE A 233 0.45 0.41 7.47
C PHE A 233 -0.41 1.28 8.37
N ALA A 234 -0.65 2.50 7.89
CA ALA A 234 -1.63 3.39 8.51
C ALA A 234 -2.14 4.30 7.40
N VAL A 235 -3.45 4.46 7.32
CA VAL A 235 -4.02 5.26 6.24
C VAL A 235 -5.15 6.15 6.72
N PHE A 236 -5.40 7.22 5.96
CA PHE A 236 -6.60 8.01 6.13
C PHE A 236 -7.74 7.44 5.30
N HIS A 237 -8.90 7.40 5.86
CA HIS A 237 -10.00 6.93 5.05
C HIS A 237 -10.50 8.03 4.10
N PRO A 238 -10.97 7.69 2.90
CA PRO A 238 -11.31 8.75 1.91
C PRO A 238 -12.55 9.58 2.23
N THR A 239 -13.47 9.08 3.04
CA THR A 239 -14.72 9.79 3.34
C THR A 239 -15.02 9.89 4.83
N LEU A 240 -14.51 8.99 5.66
CA LEU A 240 -14.76 8.96 7.10
C LEU A 240 -13.63 9.63 7.87
N PRO A 241 -13.93 10.27 9.02
CA PRO A 241 -12.88 10.96 9.79
C PRO A 241 -12.15 10.01 10.72
N ILE A 242 -11.47 9.03 10.11
CA ILE A 242 -10.76 8.01 10.84
C ILE A 242 -9.44 7.73 10.14
N ILE A 243 -8.52 7.19 10.91
CA ILE A 243 -7.31 6.56 10.41
C ILE A 243 -7.42 5.07 10.71
N ILE A 244 -6.91 4.25 9.80
CA ILE A 244 -6.96 2.79 9.94
C ILE A 244 -5.54 2.27 9.88
N SER A 245 -5.14 1.49 10.88
CA SER A 245 -3.80 0.92 10.92
C SER A 245 -3.87 -0.58 11.16
N GLY A 246 -2.78 -1.27 10.87
CA GLY A 246 -2.69 -2.72 11.08
C GLY A 246 -1.27 -3.11 11.39
N SER A 247 -1.11 -4.23 12.13
CA SER A 247 0.16 -4.49 12.78
C SER A 247 0.43 -5.99 12.83
N GLU A 248 1.73 -6.31 13.02
CA GLU A 248 2.09 -7.70 13.27
C GLU A 248 1.62 -8.17 14.63
N ASP A 249 1.04 -7.27 15.43
CA ASP A 249 0.32 -7.72 16.63
C ASP A 249 -1.04 -8.38 16.33
N GLY A 250 -1.45 -8.45 15.07
CA GLY A 250 -2.67 -9.12 14.67
C GLY A 250 -3.92 -8.28 14.73
N THR A 251 -3.79 -6.97 14.97
CA THR A 251 -4.97 -6.15 15.10
C THR A 251 -5.04 -5.13 13.98
N LEU A 252 -6.28 -4.73 13.66
CA LEU A 252 -6.51 -3.45 12.99
C LEU A 252 -6.94 -2.47 14.06
N LYS A 253 -6.57 -1.21 13.88
CA LYS A 253 -7.04 -0.18 14.79
C LYS A 253 -7.66 0.94 13.98
N ILE A 254 -8.79 1.46 14.49
CA ILE A 254 -9.48 2.60 13.92
C ILE A 254 -9.32 3.75 14.90
N TRP A 255 -8.78 4.88 14.44
CA TRP A 255 -8.50 6.02 15.29
C TRP A 255 -9.28 7.22 14.80
N ASN A 256 -9.72 8.07 15.73
CA ASN A 256 -10.40 9.32 15.40
C ASN A 256 -9.40 10.27 14.75
N SER A 257 -9.74 10.76 13.56
CA SER A 257 -8.77 11.56 12.80
C SER A 257 -8.70 13.00 13.24
N SER A 258 -9.53 13.43 14.20
CA SER A 258 -9.39 14.76 14.79
C SER A 258 -8.72 14.72 16.15
N THR A 259 -9.14 13.80 17.01
CA THR A 259 -8.58 13.69 18.34
C THR A 259 -7.38 12.77 18.40
N TYR A 260 -7.21 11.90 17.40
CA TYR A 260 -6.12 10.93 17.37
C TYR A 260 -6.20 9.89 18.49
N LYS A 261 -7.38 9.71 19.07
CA LYS A 261 -7.59 8.67 20.07
C LYS A 261 -8.15 7.40 19.40
N VAL A 262 -7.72 6.24 19.89
CA VAL A 262 -8.20 4.99 19.32
C VAL A 262 -9.70 4.89 19.54
N GLU A 263 -10.43 4.44 18.52
CA GLU A 263 -11.87 4.21 18.63
C GLU A 263 -12.25 2.75 18.68
N LYS A 264 -11.50 1.89 18.01
CA LYS A 264 -11.83 0.47 18.01
C LYS A 264 -10.56 -0.29 17.70
N THR A 265 -10.37 -1.44 18.37
CA THR A 265 -9.33 -2.40 18.04
C THR A 265 -10.02 -3.69 17.62
N LEU A 266 -9.62 -4.22 16.47
CA LEU A 266 -10.22 -5.43 15.92
C LEU A 266 -9.19 -6.56 15.97
N ASN A 267 -9.52 -7.64 16.68
CA ASN A 267 -8.69 -8.84 16.69
C ASN A 267 -9.26 -9.78 15.64
N VAL A 268 -8.78 -9.58 14.42
CA VAL A 268 -9.33 -10.23 13.25
C VAL A 268 -9.21 -11.75 13.31
N GLY A 269 -8.19 -12.28 13.98
CA GLY A 269 -8.03 -13.74 14.06
C GLY A 269 -7.30 -14.38 12.90
N LEU A 270 -6.54 -13.58 12.11
CA LEU A 270 -5.78 -14.08 10.99
C LEU A 270 -4.26 -13.92 11.19
N GLU A 271 -3.80 -13.75 12.43
CA GLU A 271 -2.40 -13.48 12.76
C GLU A 271 -1.95 -12.13 12.18
N ARG A 272 -0.69 -12.01 11.73
CA ARG A 272 -0.14 -10.68 11.48
C ARG A 272 -0.84 -9.99 10.30
N SER A 273 -1.01 -8.67 10.42
CA SER A 273 -1.64 -7.86 9.36
C SER A 273 -0.53 -7.21 8.56
N TRP A 274 -0.66 -7.22 7.22
CA TRP A 274 0.39 -6.71 6.34
C TRP A 274 -0.05 -5.57 5.44
N CYS A 275 -1.32 -5.51 5.03
CA CYS A 275 -1.71 -4.59 3.97
C CYS A 275 -3.17 -4.17 4.12
N ILE A 276 -3.49 -3.05 3.45
CA ILE A 276 -4.78 -2.38 3.57
C ILE A 276 -5.20 -1.81 2.23
N ALA A 277 -6.52 -1.75 2.03
CA ALA A 277 -7.12 -1.00 0.94
C ALA A 277 -8.46 -0.44 1.41
N THR A 278 -8.81 0.72 0.87
CA THR A 278 -10.10 1.33 1.16
C THR A 278 -10.82 1.51 -0.16
N HIS A 279 -12.10 1.30 -0.15
CA HIS A 279 -12.81 1.42 -1.41
C HIS A 279 -12.71 2.88 -1.85
N PRO A 280 -12.23 3.15 -3.07
CA PRO A 280 -11.82 4.53 -3.38
C PRO A 280 -12.95 5.56 -3.33
N THR A 281 -14.22 5.13 -3.43
CA THR A 281 -15.36 6.05 -3.34
C THR A 281 -16.13 5.91 -2.03
N GLY A 282 -15.62 5.16 -1.06
CA GLY A 282 -16.35 4.90 0.16
C GLY A 282 -17.58 4.02 0.00
N ARG A 283 -17.66 3.21 -1.06
CA ARG A 283 -18.86 2.39 -1.26
C ARG A 283 -19.04 1.46 -0.08
N LYS A 284 -20.23 1.55 0.57
CA LYS A 284 -20.56 0.74 1.74
C LYS A 284 -19.47 0.85 2.81
N ASN A 285 -18.67 1.93 2.74
CA ASN A 285 -17.52 2.11 3.63
C ASN A 285 -16.66 0.84 3.71
N TYR A 286 -16.44 0.22 2.56
CA TYR A 286 -15.65 -1.01 2.52
C TYR A 286 -14.17 -0.72 2.75
N ILE A 287 -13.54 -1.58 3.56
CA ILE A 287 -12.10 -1.64 3.68
C ILE A 287 -11.74 -3.11 3.61
N ALA A 288 -10.47 -3.38 3.28
CA ALA A 288 -10.00 -4.76 3.25
C ALA A 288 -8.57 -4.81 3.74
N SER A 289 -8.23 -5.88 4.44
CA SER A 289 -6.87 -6.02 4.93
C SER A 289 -6.40 -7.46 4.75
N GLY A 290 -5.10 -7.60 4.44
CA GLY A 290 -4.48 -8.90 4.21
C GLY A 290 -3.56 -9.27 5.36
N PHE A 291 -3.53 -10.57 5.69
CA PHE A 291 -2.86 -11.07 6.89
C PHE A 291 -2.14 -12.38 6.58
N ASP A 292 -1.36 -12.85 7.56
CA ASP A 292 -0.71 -14.16 7.50
C ASP A 292 -1.64 -15.26 6.98
N ASN A 293 -2.89 -15.27 7.42
CA ASN A 293 -3.74 -16.46 7.19
C ASN A 293 -4.92 -16.18 6.26
N GLY A 294 -4.98 -15.02 5.62
CA GLY A 294 -6.01 -14.73 4.65
C GLY A 294 -6.33 -13.24 4.66
N PHE A 295 -7.55 -12.92 4.22
CA PHE A 295 -7.96 -11.52 4.15
C PHE A 295 -9.35 -11.35 4.73
N THR A 296 -9.72 -10.10 4.98
CA THR A 296 -11.07 -9.76 5.37
C THR A 296 -11.51 -8.48 4.68
N VAL A 297 -12.76 -8.47 4.23
CA VAL A 297 -13.43 -7.30 3.67
C VAL A 297 -14.49 -6.88 4.68
N LEU A 298 -14.40 -5.64 5.16
CA LEU A 298 -15.30 -5.14 6.18
C LEU A 298 -16.07 -3.96 5.64
N SER A 299 -17.35 -3.88 6.01
CA SER A 299 -18.15 -2.67 5.82
C SER A 299 -18.17 -1.90 7.13
N LEU A 300 -17.69 -0.66 7.12
CA LEU A 300 -17.70 0.13 8.35
C LEU A 300 -19.08 0.73 8.66
N GLY A 301 -19.95 0.83 7.64
CA GLY A 301 -21.25 1.47 7.67
C GLY A 301 -21.60 1.76 6.22
N ILE B 4 21.79 -12.11 0.14
CA ILE B 4 21.35 -12.27 1.53
C ILE B 4 20.31 -11.20 1.88
N LYS B 5 19.17 -11.62 2.42
CA LYS B 5 18.11 -10.68 2.83
C LYS B 5 18.31 -10.34 4.30
N THR B 6 18.75 -9.11 4.56
CA THR B 6 19.15 -8.70 5.90
C THR B 6 17.98 -8.57 6.89
N SER B 7 16.77 -8.31 6.41
CA SER B 7 15.62 -8.15 7.32
C SER B 7 14.37 -8.08 6.46
N HIS B 8 13.21 -8.04 7.12
CA HIS B 8 11.94 -7.87 6.44
C HIS B 8 11.73 -8.90 5.34
N ASP B 9 12.13 -10.14 5.62
CA ASP B 9 11.89 -11.24 4.68
C ASP B 9 10.43 -11.67 4.68
N ASP B 10 9.76 -11.53 5.81
CA ASP B 10 8.38 -12.02 5.94
C ASP B 10 7.42 -11.16 5.13
#